data_9IO1
#
_entry.id   9IO1
#
loop_
_entity.id
_entity.type
_entity.pdbx_description
1 polymer "RNA (5'-R(*GP*GP*AP*UP*AP*CP*UP*UP*UP*CP*GP*AP*GP*UP*CP*AP*UP*CP*C)-3')"
2 non-polymer 1-cyclopropyl-N-[3-(dimethylamino)propyl]-7-(4-ethylpiperazin-1-yl)-6-fluoranyl-4-oxidanylidene-quinoline-3-carboxamide
#
_entity_poly.entity_id   1
_entity_poly.type   'polyribonucleotide'
_entity_poly.pdbx_seq_one_letter_code
;GGAUACUUUCGAGUCAUCC
;
_entity_poly.pdbx_strand_id   A
#